data_7QSA
#
_entry.id   7QSA
#
_cell.length_a   69.947
_cell.length_b   69.947
_cell.length_c   201.608
_cell.angle_alpha   90.000
_cell.angle_beta   90.000
_cell.angle_gamma   120.000
#
_symmetry.space_group_name_H-M   'H 3 2'
#
loop_
_entity.id
_entity.type
_entity.pdbx_description
1 polymer 'Protein scribble homolog'
2 polymer 'RNA-directed RNA polymerase NS5'
3 water water
#
loop_
_entity_poly.entity_id
_entity_poly.type
_entity_poly.pdbx_seq_one_letter_code
_entity_poly.pdbx_strand_id
1 'polypeptide(L)'
;SVEEIRLPRAGGPLGLSIVGGSDHSSHPFGVQEPGVFISKVLPRGLAARSGLRVGDRILAVNGQDVRDATHQEAVSALLR
PCLELSLLVRRD
;
A,B
2 'polypeptide(L)' LRLESSII C
#
# COMPACT_ATOMS: atom_id res chain seq x y z
N SER A 1 -11.05 -20.82 -3.49
CA SER A 1 -12.42 -20.40 -3.83
C SER A 1 -12.38 -18.95 -4.27
N VAL A 2 -13.51 -18.41 -4.72
CA VAL A 2 -13.60 -17.04 -5.18
C VAL A 2 -14.72 -16.40 -4.39
N GLU A 3 -14.43 -15.29 -3.73
CA GLU A 3 -15.41 -14.67 -2.85
C GLU A 3 -15.67 -13.23 -3.24
N GLU A 4 -16.93 -12.81 -3.04
CA GLU A 4 -17.36 -11.43 -3.19
C GLU A 4 -17.27 -10.74 -1.84
N ILE A 5 -16.50 -9.66 -1.80
CA ILE A 5 -16.24 -8.90 -0.59
C ILE A 5 -16.74 -7.48 -0.86
N ARG A 6 -17.54 -6.93 0.06
CA ARG A 6 -17.95 -5.53 -0.01
C ARG A 6 -17.05 -4.71 0.92
N LEU A 7 -16.38 -3.71 0.35
CA LEU A 7 -15.33 -2.94 0.99
C LEU A 7 -15.69 -1.47 0.94
N PRO A 8 -15.68 -0.76 2.07
CA PRO A 8 -16.05 0.67 2.03
C PRO A 8 -15.05 1.45 1.18
N ARG A 9 -15.45 2.63 0.78
CA ARG A 9 -14.57 3.53 0.05
C ARG A 9 -13.57 4.14 1.02
N ALA A 10 -12.30 4.16 0.61
CA ALA A 10 -11.22 4.67 1.45
C ALA A 10 -11.53 6.10 1.88
N PRO A 13 -9.24 5.71 7.19
CA PRO A 13 -8.60 4.78 6.24
C PRO A 13 -9.08 3.35 6.46
N LEU A 14 -8.74 2.46 5.54
CA LEU A 14 -9.26 1.09 5.52
C LEU A 14 -8.49 0.12 6.39
N GLY A 15 -7.23 0.44 6.65
CA GLY A 15 -6.38 -0.42 7.44
C GLY A 15 -5.87 -1.62 6.69
N LEU A 16 -5.44 -1.44 5.42
CA LEU A 16 -4.87 -2.53 4.65
C LEU A 16 -3.72 -2.05 3.79
N SER A 17 -2.85 -2.98 3.43
CA SER A 17 -1.84 -2.74 2.42
C SER A 17 -1.99 -3.81 1.36
N ILE A 18 -1.74 -3.44 0.12
CA ILE A 18 -1.72 -4.37 -1.00
C ILE A 18 -0.34 -4.31 -1.63
N VAL A 19 0.07 -5.43 -2.23
CA VAL A 19 1.37 -5.52 -2.88
C VAL A 19 1.15 -6.25 -4.20
N GLY A 20 2.09 -6.06 -5.11
CA GLY A 20 2.09 -6.84 -6.33
C GLY A 20 1.51 -6.10 -7.53
N GLY A 21 1.43 -6.85 -8.64
CA GLY A 21 0.88 -6.35 -9.89
C GLY A 21 1.69 -6.89 -11.07
N SER A 22 1.23 -6.66 -12.29
CA SER A 22 1.90 -7.22 -13.47
C SER A 22 3.27 -6.63 -13.71
N ASP A 23 3.56 -5.44 -13.19
CA ASP A 23 4.92 -4.91 -13.18
C ASP A 23 5.76 -5.54 -12.06
N HIS A 24 5.29 -6.67 -11.52
CA HIS A 24 5.98 -7.58 -10.59
C HIS A 24 5.66 -7.23 -9.14
N HIS A 27 7.70 -10.59 -2.66
CA HIS A 27 6.66 -10.77 -1.61
C HIS A 27 6.30 -12.24 -1.53
N PRO A 28 5.68 -12.67 -0.42
CA PRO A 28 5.45 -14.10 -0.19
C PRO A 28 4.12 -14.65 -0.69
N PHE A 29 3.36 -13.92 -1.50
CA PHE A 29 2.03 -14.34 -1.91
C PHE A 29 2.06 -14.88 -3.33
N GLY A 30 1.18 -15.86 -3.61
CA GLY A 30 1.18 -16.47 -4.94
C GLY A 30 2.39 -17.37 -5.17
N VAL A 31 3.11 -17.13 -6.29
CA VAL A 31 4.30 -17.89 -6.70
C VAL A 31 3.82 -19.28 -7.12
N GLU A 33 3.94 -14.64 -11.55
CA GLU A 33 2.90 -14.26 -10.57
C GLU A 33 2.61 -12.77 -10.59
N PRO A 34 1.71 -12.35 -11.48
CA PRO A 34 1.44 -10.91 -11.63
C PRO A 34 0.41 -10.35 -10.64
N GLY A 35 -0.21 -11.18 -9.79
CA GLY A 35 -1.40 -10.75 -9.06
C GLY A 35 -1.14 -9.63 -8.07
N VAL A 36 -2.25 -8.97 -7.67
CA VAL A 36 -2.28 -7.97 -6.61
C VAL A 36 -2.85 -8.65 -5.38
N PHE A 37 -2.16 -8.58 -4.25
CA PHE A 37 -2.56 -9.29 -3.04
C PHE A 37 -2.68 -8.33 -1.88
N ILE A 38 -3.54 -8.70 -0.94
CA ILE A 38 -3.65 -8.09 0.37
C ILE A 38 -2.44 -8.54 1.21
N SER A 39 -1.53 -7.62 1.54
CA SER A 39 -0.33 -8.02 2.27
C SER A 39 -0.46 -7.81 3.79
N LYS A 40 -1.41 -7.02 4.25
CA LYS A 40 -1.55 -6.85 5.68
C LYS A 40 -2.87 -6.14 5.94
N VAL A 41 -3.54 -6.55 7.01
CA VAL A 41 -4.78 -5.91 7.45
C VAL A 41 -4.67 -5.65 8.95
N LEU A 42 -5.02 -4.43 9.35
CA LEU A 42 -5.07 -4.13 10.77
C LEU A 42 -6.25 -4.85 11.40
N PRO A 43 -6.06 -5.47 12.56
CA PRO A 43 -7.09 -6.39 13.09
C PRO A 43 -8.50 -5.83 13.25
N ARG A 44 -8.66 -4.58 13.65
CA ARG A 44 -9.99 -4.01 13.79
C ARG A 44 -10.26 -2.92 12.76
N GLY A 45 -9.40 -2.78 11.76
CA GLY A 45 -9.62 -1.83 10.71
C GLY A 45 -10.81 -2.20 9.83
N LEU A 46 -11.13 -1.30 8.89
CA LEU A 46 -12.34 -1.50 8.09
C LEU A 46 -12.19 -2.67 7.13
N ALA A 47 -10.97 -2.91 6.62
CA ALA A 47 -10.76 -4.01 5.69
C ALA A 47 -11.01 -5.35 6.38
N ALA A 48 -10.46 -5.49 7.58
CA ALA A 48 -10.63 -6.73 8.32
C ALA A 48 -12.11 -7.01 8.54
N ARG A 49 -12.84 -5.99 9.01
CA ARG A 49 -14.27 -6.16 9.31
C ARG A 49 -15.06 -6.47 8.05
N SER A 50 -14.57 -6.04 6.89
CA SER A 50 -15.28 -6.33 5.66
C SER A 50 -15.07 -7.75 5.17
N GLY A 51 -14.13 -8.47 5.76
CA GLY A 51 -13.91 -9.85 5.39
C GLY A 51 -12.75 -10.09 4.46
N LEU A 52 -11.91 -9.09 4.24
CA LEU A 52 -10.68 -9.29 3.51
C LEU A 52 -9.65 -9.93 4.43
N ARG A 53 -8.73 -10.63 3.78
CA ARG A 53 -7.73 -11.44 4.43
C ARG A 53 -6.40 -11.22 3.77
N VAL A 54 -5.35 -11.21 4.60
CA VAL A 54 -4.00 -11.25 4.06
C VAL A 54 -3.88 -12.46 3.15
N GLY A 55 -3.14 -12.32 2.05
CA GLY A 55 -3.06 -13.37 1.08
C GLY A 55 -4.17 -13.38 0.03
N ASP A 56 -5.24 -12.62 0.23
CA ASP A 56 -6.27 -12.59 -0.80
C ASP A 56 -5.71 -12.01 -2.10
N ARG A 57 -5.98 -12.68 -3.21
CA ARG A 57 -5.64 -12.15 -4.52
C ARG A 57 -6.87 -11.39 -5.04
N ILE A 58 -6.69 -10.10 -5.32
CA ILE A 58 -7.79 -9.29 -5.80
C ILE A 58 -7.90 -9.56 -7.29
N LEU A 59 -9.07 -10.01 -7.72
CA LEU A 59 -9.40 -10.32 -9.09
C LEU A 59 -10.14 -9.20 -9.79
N ALA A 60 -11.07 -8.51 -9.12
CA ALA A 60 -11.80 -7.44 -9.77
C ALA A 60 -12.30 -6.47 -8.72
N VAL A 61 -12.52 -5.23 -9.17
CA VAL A 61 -12.97 -4.15 -8.34
C VAL A 61 -14.03 -3.38 -9.14
N ASN A 62 -15.28 -3.45 -8.68
CA ASN A 62 -16.42 -2.84 -9.37
C ASN A 62 -16.32 -3.09 -10.86
N GLY A 63 -16.17 -4.37 -11.19
CA GLY A 63 -16.14 -4.81 -12.58
C GLY A 63 -14.83 -4.65 -13.30
N GLN A 64 -13.88 -3.93 -12.73
CA GLN A 64 -12.59 -3.77 -13.38
C GLN A 64 -11.79 -5.04 -13.08
N ASP A 65 -11.31 -5.71 -14.15
CA ASP A 65 -10.46 -6.89 -14.04
C ASP A 65 -9.04 -6.45 -13.68
N VAL A 66 -8.56 -6.85 -12.50
CA VAL A 66 -7.23 -6.45 -12.08
C VAL A 66 -6.31 -7.64 -11.92
N ARG A 67 -6.72 -8.78 -12.52
CA ARG A 67 -5.92 -9.99 -12.45
C ARG A 67 -4.57 -9.82 -13.13
N ASP A 68 -4.48 -8.97 -14.16
CA ASP A 68 -3.21 -8.71 -14.82
C ASP A 68 -2.88 -7.23 -14.79
N ALA A 69 -3.34 -6.49 -13.78
CA ALA A 69 -3.19 -5.05 -13.74
C ALA A 69 -1.84 -4.66 -13.15
N THR A 70 -1.39 -3.44 -13.45
CA THR A 70 -0.20 -2.94 -12.78
C THR A 70 -0.56 -2.67 -11.32
N HIS A 71 0.45 -2.55 -10.47
CA HIS A 71 0.13 -2.19 -9.09
C HIS A 71 -0.70 -0.90 -9.02
N GLN A 72 -0.31 0.12 -9.78
CA GLN A 72 -1.05 1.39 -9.63
C GLN A 72 -2.43 1.34 -10.30
N GLU A 73 -2.61 0.50 -11.31
CA GLU A 73 -3.96 0.30 -11.85
C GLU A 73 -4.89 -0.26 -10.77
N ALA A 74 -4.42 -1.27 -10.05
CA ALA A 74 -5.24 -1.89 -9.01
C ALA A 74 -5.63 -0.87 -7.95
N VAL A 75 -4.66 -0.08 -7.52
CA VAL A 75 -4.90 0.88 -6.45
C VAL A 75 -5.89 1.92 -6.90
N SER A 76 -5.64 2.51 -8.06
CA SER A 76 -6.59 3.49 -8.57
C SER A 76 -7.99 2.92 -8.49
N ALA A 77 -8.16 1.68 -8.94
CA ALA A 77 -9.48 1.07 -8.93
C ALA A 77 -10.08 1.10 -7.54
N LEU A 78 -9.26 0.76 -6.55
CA LEU A 78 -9.72 0.65 -5.18
C LEU A 78 -9.98 2.03 -4.61
N LEU A 79 -9.45 3.09 -5.25
CA LEU A 79 -9.62 4.42 -4.68
C LEU A 79 -10.56 5.32 -5.49
N ARG A 80 -11.23 4.80 -6.51
CA ARG A 80 -12.20 5.61 -7.22
C ARG A 80 -13.28 6.10 -6.26
N PRO A 81 -13.72 7.36 -6.40
CA PRO A 81 -14.67 7.93 -5.43
C PRO A 81 -16.16 7.62 -5.73
N GLU A 84 -20.19 1.35 -1.46
CA GLU A 84 -19.25 0.27 -1.20
C GLU A 84 -18.67 -0.30 -2.49
N LEU A 85 -17.39 -0.66 -2.45
CA LEU A 85 -16.76 -1.35 -3.56
C LEU A 85 -17.13 -2.83 -3.50
N SER A 86 -17.33 -3.42 -4.68
CA SER A 86 -17.55 -4.86 -4.84
C SER A 86 -16.25 -5.49 -5.33
N LEU A 87 -15.62 -6.29 -4.47
CA LEU A 87 -14.38 -6.96 -4.81
C LEU A 87 -14.64 -8.45 -4.97
N LEU A 88 -14.02 -9.02 -5.99
CA LEU A 88 -13.90 -10.47 -6.11
C LEU A 88 -12.45 -10.79 -5.78
N VAL A 89 -12.25 -11.69 -4.83
CA VAL A 89 -10.92 -12.19 -4.44
C VAL A 89 -10.85 -13.69 -4.57
N ARG A 90 -9.66 -14.19 -4.90
CA ARG A 90 -9.34 -15.60 -4.88
C ARG A 90 -8.61 -15.86 -3.58
N ARG A 91 -8.95 -16.95 -2.89
CA ARG A 91 -8.13 -17.26 -1.73
C ARG A 91 -7.97 -18.77 -1.56
N ASP A 92 -7.01 -19.12 -0.69
CA ASP A 92 -6.87 -20.47 -0.16
C ASP A 92 -6.59 -21.42 -1.29
N SER B 1 16.77 18.32 0.93
CA SER B 1 16.59 18.64 2.34
C SER B 1 15.79 17.57 3.07
N VAL B 2 15.72 17.66 4.40
CA VAL B 2 14.98 16.71 5.22
C VAL B 2 13.83 17.45 5.89
N GLU B 3 12.61 16.92 5.71
CA GLU B 3 11.43 17.60 6.21
C GLU B 3 10.60 16.65 7.05
N GLU B 4 10.03 17.19 8.12
CA GLU B 4 9.03 16.49 8.87
C GLU B 4 7.66 16.87 8.33
N ILE B 5 6.90 15.87 7.88
CA ILE B 5 5.62 16.08 7.23
C ILE B 5 4.53 15.45 8.10
N ARG B 6 3.61 16.27 8.60
CA ARG B 6 2.47 15.79 9.38
C ARG B 6 1.28 15.58 8.43
N LEU B 7 0.60 14.46 8.59
CA LEU B 7 -0.55 14.15 7.74
C LEU B 7 -1.74 13.74 8.60
N PRO B 8 -2.87 14.42 8.49
CA PRO B 8 -4.07 13.96 9.20
C PRO B 8 -4.61 12.69 8.55
N ARG B 9 -5.05 11.74 9.39
CA ARG B 9 -5.45 10.42 8.90
C ARG B 9 -6.82 10.44 8.24
N ALA B 10 -7.61 11.50 8.46
CA ALA B 10 -8.93 11.65 7.88
C ALA B 10 -9.13 13.11 7.52
N PRO B 13 -3.33 12.68 1.41
CA PRO B 13 -3.89 12.20 2.67
C PRO B 13 -4.65 10.87 2.58
N LEU B 14 -4.95 10.41 1.37
CA LEU B 14 -5.73 9.18 1.21
C LEU B 14 -4.87 7.95 1.03
N GLY B 15 -3.93 8.00 0.08
CA GLY B 15 -3.23 6.81 -0.37
C GLY B 15 -1.75 7.06 -0.61
N LEU B 16 -0.94 6.11 -0.13
CA LEU B 16 0.52 6.20 -0.23
C LEU B 16 1.09 4.94 -0.85
N SER B 17 1.91 5.07 -1.90
CA SER B 17 2.60 3.92 -2.47
C SER B 17 4.10 4.05 -2.24
N ILE B 18 4.74 2.93 -1.91
CA ILE B 18 6.19 2.94 -1.67
C ILE B 18 6.89 1.79 -2.38
N VAL B 19 8.16 1.99 -2.66
CA VAL B 19 9.02 0.94 -3.18
C VAL B 19 10.34 0.95 -2.41
N GLY B 20 11.07 -0.12 -2.54
CA GLY B 20 12.38 -0.15 -1.98
C GLY B 20 12.41 -0.92 -0.68
N GLY B 21 13.48 -0.71 0.08
CA GLY B 21 13.76 -1.44 1.29
C GLY B 21 15.12 -2.06 1.23
N SER B 22 15.56 -2.51 2.41
CA SER B 22 16.90 -3.06 2.55
C SER B 22 17.00 -4.50 2.05
N ASP B 23 15.92 -5.27 2.16
CA ASP B 23 15.92 -6.65 1.68
C ASP B 23 15.96 -6.74 0.16
N HIS B 24 15.90 -5.62 -0.55
CA HIS B 24 15.87 -5.65 -2.02
C HIS B 24 17.17 -6.22 -2.61
N HIS B 27 13.62 0.42 -9.32
CA HIS B 27 12.93 1.72 -9.47
C HIS B 27 13.87 2.89 -9.79
N PRO B 28 13.34 4.05 -10.21
CA PRO B 28 14.22 5.15 -10.61
C PRO B 28 14.54 6.15 -9.52
N PHE B 29 14.18 5.91 -8.25
CA PHE B 29 14.37 6.90 -7.21
C PHE B 29 15.70 6.64 -6.49
N GLY B 30 16.22 7.68 -5.84
CA GLY B 30 17.44 7.54 -5.07
C GLY B 30 18.68 7.56 -5.95
N GLU B 33 19.59 3.53 -4.19
CA GLU B 33 19.65 3.58 -2.74
C GLU B 33 19.03 2.35 -2.06
N PRO B 34 19.44 2.06 -0.82
CA PRO B 34 18.71 1.07 0.00
C PRO B 34 17.42 1.62 0.61
N GLY B 35 17.07 2.83 0.34
CA GLY B 35 16.01 3.46 1.09
C GLY B 35 14.63 3.01 0.65
N VAL B 36 13.66 3.49 1.40
CA VAL B 36 12.25 3.36 1.06
C VAL B 36 11.82 4.69 0.47
N PHE B 37 11.12 4.63 -0.65
CA PHE B 37 10.79 5.81 -1.41
C PHE B 37 9.31 5.85 -1.73
N ILE B 38 8.75 7.04 -1.65
CA ILE B 38 7.37 7.28 -2.06
C ILE B 38 7.29 7.18 -3.57
N SER B 39 6.54 6.19 -4.06
CA SER B 39 6.29 6.06 -5.49
C SER B 39 4.99 6.71 -5.92
N LYS B 40 4.02 6.85 -5.04
CA LYS B 40 2.85 7.60 -5.46
C LYS B 40 2.12 8.18 -4.26
N VAL B 41 1.39 9.25 -4.56
CA VAL B 41 0.48 9.94 -3.65
C VAL B 41 -0.78 10.20 -4.45
N LEU B 42 -1.95 9.91 -3.86
CA LEU B 42 -3.21 10.10 -4.57
C LEU B 42 -3.28 11.48 -5.24
N PRO B 43 -3.40 11.55 -6.58
CA PRO B 43 -3.50 12.79 -7.38
C PRO B 43 -4.38 13.86 -6.75
N SER B 50 -1.44 16.29 2.19
CA SER B 50 -0.53 16.86 1.20
C SER B 50 0.84 17.13 1.82
N GLY B 51 1.78 17.62 0.99
CA GLY B 51 3.12 17.85 1.45
C GLY B 51 4.12 16.86 0.88
N LEU B 52 3.75 15.59 0.88
CA LEU B 52 4.66 14.56 0.40
C LEU B 52 4.72 14.60 -1.11
N ARG B 53 5.88 14.21 -1.64
CA ARG B 53 6.17 14.23 -3.05
C ARG B 53 6.73 12.87 -3.47
N VAL B 54 6.37 12.42 -4.68
CA VAL B 54 7.01 11.24 -5.26
C VAL B 54 8.51 11.38 -5.20
N GLY B 55 9.22 10.29 -4.93
CA GLY B 55 10.66 10.31 -4.83
C GLY B 55 11.18 10.64 -3.45
N ASP B 56 10.33 11.15 -2.56
CA ASP B 56 10.72 11.34 -1.18
C ASP B 56 11.27 10.04 -0.63
N ARG B 57 12.45 10.09 -0.01
CA ARG B 57 12.93 8.98 0.78
C ARG B 57 12.29 9.06 2.16
N ILE B 58 11.74 7.95 2.65
CA ILE B 58 11.13 7.94 3.97
C ILE B 58 12.21 7.52 4.96
N LEU B 59 12.55 8.43 5.87
CA LEU B 59 13.55 8.18 6.91
C LEU B 59 12.96 7.67 8.23
N ALA B 60 11.83 8.24 8.67
CA ALA B 60 11.26 7.81 9.94
C ALA B 60 9.75 7.93 9.87
N VAL B 61 9.06 7.17 10.72
CA VAL B 61 7.61 7.20 10.81
C VAL B 61 7.20 7.29 12.28
N ASN B 62 6.56 8.39 12.66
CA ASN B 62 6.17 8.55 14.07
C ASN B 62 7.40 8.37 14.94
N GLY B 63 8.53 8.97 14.50
CA GLY B 63 9.79 8.96 15.19
C GLY B 63 10.55 7.65 15.14
N GLN B 64 10.04 6.65 14.44
CA GLN B 64 10.68 5.35 14.39
C GLN B 64 11.53 5.29 13.11
N ASP B 65 12.78 4.88 13.27
CA ASP B 65 13.73 4.87 12.15
C ASP B 65 13.31 3.80 11.17
N VAL B 66 13.26 4.15 9.90
CA VAL B 66 13.05 3.13 8.89
C VAL B 66 14.13 3.22 7.80
N ARG B 67 15.18 4.00 8.04
CA ARG B 67 16.20 4.22 7.01
C ARG B 67 16.75 2.92 6.44
N ASP B 68 16.85 1.88 7.28
CA ASP B 68 17.42 0.60 6.90
C ASP B 68 16.40 -0.52 6.93
N ALA B 69 15.13 -0.20 7.01
CA ALA B 69 14.13 -1.23 7.19
C ALA B 69 13.92 -2.01 5.90
N THR B 70 13.38 -3.21 6.04
CA THR B 70 12.93 -3.96 4.89
C THR B 70 11.64 -3.31 4.33
N HIS B 71 11.23 -3.73 3.13
CA HIS B 71 10.02 -3.21 2.51
C HIS B 71 8.81 -3.48 3.37
N GLN B 72 8.70 -4.71 3.87
CA GLN B 72 7.55 -5.07 4.70
C GLN B 72 7.61 -4.39 6.06
N GLU B 73 8.81 -4.19 6.59
CA GLU B 73 8.98 -3.37 7.79
C GLU B 73 8.54 -1.93 7.56
N ALA B 74 8.83 -1.36 6.38
CA ALA B 74 8.33 -0.03 6.08
C ALA B 74 6.80 -0.02 6.03
N VAL B 75 6.23 -0.99 5.33
CA VAL B 75 4.78 -1.05 5.15
C VAL B 75 4.08 -1.09 6.50
N SER B 76 4.52 -2.04 7.35
CA SER B 76 3.96 -2.17 8.70
C SER B 76 4.10 -0.88 9.49
N ALA B 77 5.16 -0.11 9.23
CA ALA B 77 5.28 1.16 9.93
C ALA B 77 4.33 2.18 9.36
N LEU B 78 4.09 2.14 8.05
CA LEU B 78 3.13 3.08 7.51
C LEU B 78 1.71 2.68 7.87
N LEU B 79 1.48 1.40 8.09
CA LEU B 79 0.12 0.93 8.31
C LEU B 79 -0.16 1.02 9.79
N ARG B 80 -0.59 2.19 10.23
CA ARG B 80 -0.72 2.43 11.67
C ARG B 80 -2.18 2.47 12.08
N PRO B 81 -2.53 1.87 13.22
CA PRO B 81 -3.93 2.04 13.66
C PRO B 81 -4.31 3.53 13.79
N GLU B 84 -2.56 11.30 14.10
CA GLU B 84 -1.93 11.86 12.90
C GLU B 84 -0.63 11.10 12.62
N LEU B 85 -0.28 10.96 11.35
CA LEU B 85 0.92 10.24 10.94
C LEU B 85 2.01 11.27 10.70
N SER B 86 3.18 11.02 11.27
CA SER B 86 4.32 11.91 11.08
C SER B 86 5.38 11.21 10.25
N LEU B 87 5.77 11.82 9.15
CA LEU B 87 6.83 11.27 8.31
C LEU B 87 8.00 12.24 8.18
N LEU B 88 9.21 11.72 8.44
CA LEU B 88 10.45 12.42 8.16
C LEU B 88 10.97 11.97 6.80
N VAL B 89 11.12 12.89 5.88
CA VAL B 89 11.55 12.50 4.55
C VAL B 89 12.74 13.32 4.09
N ARG B 90 13.59 12.69 3.25
CA ARG B 90 14.62 13.38 2.48
C ARG B 90 14.23 13.35 1.00
N ARG B 91 14.33 14.47 0.34
CA ARG B 91 14.09 14.49 -1.10
C ARG B 91 15.38 14.80 -1.85
N ASP B 92 15.28 14.74 -3.18
CA ASP B 92 16.41 15.00 -4.07
C ASP B 92 17.49 13.93 -3.92
N LEU C 3 9.14 -4.20 -6.48
CA LEU C 3 8.29 -4.48 -5.32
C LEU C 3 7.64 -3.20 -4.81
N GLU C 4 6.34 -3.06 -5.03
CA GLU C 4 5.62 -1.84 -4.68
C GLU C 4 4.43 -2.21 -3.82
N SER C 5 4.26 -1.50 -2.68
CA SER C 5 3.08 -1.65 -1.84
C SER C 5 2.32 -0.33 -1.72
N SER C 6 1.05 -0.42 -1.35
CA SER C 6 0.23 0.76 -1.10
C SER C 6 -0.50 0.62 0.22
N ILE C 7 -0.61 1.71 0.95
CA ILE C 7 -1.27 1.72 2.24
C ILE C 7 -2.48 2.61 2.11
N ILE C 8 -3.65 2.04 2.38
CA ILE C 8 -4.87 2.80 2.29
C ILE C 8 -5.78 2.48 3.48
#